data_3Q18
#
_entry.id   3Q18
#
_cell.length_a   46.659
_cell.length_b   85.718
_cell.length_c   60.359
_cell.angle_alpha   90.00
_cell.angle_beta   95.26
_cell.angle_gamma   90.00
#
_symmetry.space_group_name_H-M   'P 1 21 1'
#
loop_
_entity.id
_entity.type
_entity.pdbx_description
1 polymer 'Glutathione S-transferase omega-2'
2 non-polymer DI(HYDROXYETHYL)ETHER
3 non-polymer GLYCEROL
4 non-polymer 'CHLORIDE ION'
5 water water
#
_entity_poly.entity_id   1
_entity_poly.type   'polypeptide(L)'
_entity_poly.pdbx_seq_one_letter_code
;MSGDATRTLGKGSQPPGPVPEGLIRIYSMRFCPYSHRTRLVLKAKDIRHEVVNINLRNKPEWYYTKHPFGHIPVLETSQS
QLIYESVIACEYLDDAYPGRKLFPYDPYERARQKMLLELFSKVPHLTKECLVALRSGRESTNLKAALRQEFSNLEEILEY
QNTTFFGGTSISMIDYLLWPWFERLDVYGILDCVSHTPALRLWISAMKWDPTVSALLMDKSIFQGFLNLYFQNNPNAFD
;
_entity_poly.pdbx_strand_id   A,B
#
loop_
_chem_comp.id
_chem_comp.type
_chem_comp.name
_chem_comp.formula
CL non-polymer 'CHLORIDE ION' 'Cl -1'
GOL non-polymer GLYCEROL 'C3 H8 O3'
PEG non-polymer DI(HYDROXYETHYL)ETHER 'C4 H10 O3'
#
# COMPACT_ATOMS: atom_id res chain seq x y z
N ASP A 4 -22.45 16.05 1.76
CA ASP A 4 -22.82 14.73 1.19
C ASP A 4 -24.17 14.22 1.70
N ALA A 5 -25.00 15.14 2.20
CA ALA A 5 -26.30 14.79 2.79
C ALA A 5 -27.36 14.57 1.70
N THR A 6 -27.15 13.52 0.89
CA THR A 6 -28.07 13.15 -0.18
C THR A 6 -28.39 11.67 -0.10
N ARG A 7 -29.54 11.29 -0.66
CA ARG A 7 -29.96 9.89 -0.66
C ARG A 7 -29.07 9.04 -1.54
N THR A 8 -29.01 7.75 -1.23
CA THR A 8 -28.15 6.82 -1.95
C THR A 8 -28.80 6.33 -3.23
N LEU A 9 -27.98 5.96 -4.20
CA LEU A 9 -28.43 5.30 -5.40
C LEU A 9 -28.27 3.80 -5.20
N GLY A 10 -29.34 3.06 -5.48
CA GLY A 10 -29.35 1.60 -5.29
C GLY A 10 -29.75 0.84 -6.54
N LYS A 11 -30.04 -0.46 -6.35
CA LYS A 11 -30.50 -1.31 -7.44
C LYS A 11 -31.68 -0.66 -8.15
N GLY A 12 -31.61 -0.59 -9.47
CA GLY A 12 -32.68 0.00 -10.27
C GLY A 12 -32.42 1.44 -10.68
N SER A 13 -31.53 2.13 -9.95
CA SER A 13 -31.21 3.52 -10.27
C SER A 13 -30.47 3.62 -11.60
N GLN A 14 -30.49 4.82 -12.19
CA GLN A 14 -29.90 5.04 -13.50
C GLN A 14 -28.45 5.52 -13.35
N PRO A 15 -27.58 5.16 -14.31
CA PRO A 15 -26.17 5.56 -14.22
C PRO A 15 -26.01 7.08 -14.28
N PRO A 16 -25.10 7.65 -13.48
CA PRO A 16 -24.81 9.08 -13.59
C PRO A 16 -24.24 9.42 -14.97
N GLY A 17 -24.49 10.65 -15.41
CA GLY A 17 -23.93 11.13 -16.67
C GLY A 17 -22.46 11.48 -16.53
N PRO A 18 -21.87 12.02 -17.61
CA PRO A 18 -20.46 12.40 -17.53
C PRO A 18 -20.21 13.47 -16.47
N VAL A 19 -19.04 13.43 -15.86
CA VAL A 19 -18.66 14.42 -14.85
C VAL A 19 -18.38 15.76 -15.55
N PRO A 20 -19.04 16.84 -15.11
CA PRO A 20 -18.83 18.14 -15.75
C PRO A 20 -17.38 18.62 -15.68
N GLU A 21 -16.93 19.31 -16.73
CA GLU A 21 -15.59 19.91 -16.72
C GLU A 21 -15.46 20.81 -15.49
N GLY A 22 -14.33 20.71 -14.80
CA GLY A 22 -14.09 21.52 -13.61
C GLY A 22 -14.52 20.85 -12.33
N LEU A 23 -15.19 19.69 -12.43
CA LEU A 23 -15.57 18.90 -11.27
C LEU A 23 -14.88 17.54 -11.31
N ILE A 24 -14.77 16.93 -10.14
CA ILE A 24 -14.45 15.52 -10.01
C ILE A 24 -15.55 14.87 -9.17
N ARG A 25 -15.83 13.60 -9.44
CA ARG A 25 -16.89 12.87 -8.75
C ARG A 25 -16.29 11.84 -7.79
N ILE A 26 -16.86 11.73 -6.59
CA ILE A 26 -16.52 10.65 -5.67
C ILE A 26 -17.76 9.82 -5.37
N TYR A 27 -17.64 8.51 -5.57
CA TYR A 27 -18.64 7.56 -5.13
C TYR A 27 -18.33 7.19 -3.69
N SER A 28 -19.34 7.32 -2.83
CA SER A 28 -19.13 7.32 -1.40
C SER A 28 -20.35 6.73 -0.68
N MET A 29 -20.32 6.82 0.64
CA MET A 29 -21.46 6.51 1.49
C MET A 29 -21.20 7.29 2.79
N ARG A 30 -22.23 7.92 3.35
CA ARG A 30 -22.01 8.95 4.39
C ARG A 30 -21.29 8.47 5.65
N PHE A 31 -21.37 7.16 5.91
CA PHE A 31 -20.80 6.57 7.13
C PHE A 31 -19.59 5.66 6.87
N CYS A 32 -19.13 5.59 5.62
CA CYS A 32 -17.94 4.78 5.29
C CYS A 32 -16.67 5.52 5.67
N PRO A 33 -15.82 4.90 6.53
CA PRO A 33 -14.59 5.59 6.96
C PRO A 33 -13.53 5.73 5.86
N TYR A 34 -13.51 4.81 4.91
CA TYR A 34 -12.56 4.89 3.81
C TYR A 34 -12.92 6.03 2.88
N SER A 35 -14.22 6.19 2.64
CA SER A 35 -14.71 7.31 1.84
C SER A 35 -14.53 8.63 2.56
N HIS A 36 -14.70 8.61 3.88
CA HIS A 36 -14.51 9.78 4.73
C HIS A 36 -13.09 10.33 4.56
N ARG A 37 -12.12 9.43 4.56
CA ARG A 37 -10.74 9.76 4.31
C ARG A 37 -10.57 10.60 3.02
N THR A 38 -11.16 10.13 1.93
CA THR A 38 -11.03 10.81 0.65
C THR A 38 -11.83 12.13 0.63
N ARG A 39 -12.98 12.16 1.29
CA ARG A 39 -13.77 13.39 1.39
C ARG A 39 -13.03 14.48 2.19
N LEU A 40 -12.29 14.07 3.21
CA LEU A 40 -11.43 14.99 3.97
C LEU A 40 -10.39 15.65 3.06
N VAL A 41 -9.74 14.86 2.22
CA VAL A 41 -8.73 15.38 1.30
C VAL A 41 -9.34 16.35 0.27
N LEU A 42 -10.49 15.97 -0.30
CA LEU A 42 -11.23 16.86 -1.21
C LEU A 42 -11.55 18.20 -0.55
N LYS A 43 -12.01 18.16 0.70
CA LYS A 43 -12.36 19.39 1.41
C LYS A 43 -11.12 20.21 1.79
N ALA A 44 -10.07 19.54 2.28
CA ALA A 44 -8.84 20.21 2.71
C ALA A 44 -8.19 20.99 1.58
N LYS A 45 -8.26 20.44 0.36
CA LYS A 45 -7.68 21.07 -0.81
C LYS A 45 -8.64 22.01 -1.57
N ASP A 46 -9.86 22.16 -1.05
CA ASP A 46 -10.88 23.02 -1.66
C ASP A 46 -11.16 22.63 -3.11
N ILE A 47 -11.20 21.32 -3.37
CA ILE A 47 -11.47 20.81 -4.70
C ILE A 47 -12.98 20.80 -4.92
N ARG A 48 -13.39 21.31 -6.08
CA ARG A 48 -14.78 21.30 -6.47
C ARG A 48 -15.17 19.87 -6.85
N HIS A 49 -16.18 19.34 -6.19
CA HIS A 49 -16.53 17.95 -6.39
C HIS A 49 -18.00 17.66 -6.13
N GLU A 50 -18.42 16.50 -6.63
CA GLU A 50 -19.76 16.00 -6.48
C GLU A 50 -19.65 14.68 -5.71
N VAL A 51 -20.46 14.52 -4.67
CA VAL A 51 -20.50 13.26 -3.92
C VAL A 51 -21.75 12.47 -4.32
N VAL A 52 -21.55 11.25 -4.82
CA VAL A 52 -22.65 10.36 -5.18
C VAL A 52 -22.66 9.19 -4.21
N ASN A 53 -23.67 9.14 -3.34
CA ASN A 53 -23.76 8.07 -2.34
C ASN A 53 -24.37 6.80 -2.92
N ILE A 54 -23.78 5.66 -2.56
CA ILE A 54 -24.17 4.35 -3.08
C ILE A 54 -24.79 3.50 -1.97
N ASN A 55 -25.91 2.85 -2.27
CA ASN A 55 -26.54 1.92 -1.34
C ASN A 55 -25.75 0.63 -1.31
N LEU A 56 -25.00 0.40 -0.23
CA LEU A 56 -24.08 -0.74 -0.15
C LEU A 56 -24.80 -2.08 0.06
N ARG A 57 -25.99 -2.04 0.66
CA ARG A 57 -26.80 -3.24 0.85
C ARG A 57 -27.45 -3.69 -0.46
N ASN A 58 -27.87 -2.71 -1.27
CA ASN A 58 -28.59 -2.96 -2.50
C ASN A 58 -27.98 -2.14 -3.63
N LYS A 59 -26.79 -2.56 -4.08
CA LYS A 59 -25.98 -1.75 -4.99
C LYS A 59 -26.57 -1.64 -6.39
N PRO A 60 -26.38 -0.48 -7.04
CA PRO A 60 -26.77 -0.37 -8.44
C PRO A 60 -25.93 -1.31 -9.31
N GLU A 61 -26.59 -2.01 -10.22
CA GLU A 61 -25.90 -2.86 -11.20
C GLU A 61 -24.80 -2.10 -11.95
N TRP A 62 -25.10 -0.87 -12.38
CA TRP A 62 -24.11 -0.04 -13.08
C TRP A 62 -22.88 0.31 -12.25
N TYR A 63 -22.98 0.24 -10.92
CA TYR A 63 -21.85 0.60 -10.07
C TYR A 63 -20.65 -0.36 -10.23
N TYR A 64 -20.91 -1.59 -10.67
CA TYR A 64 -19.82 -2.52 -10.95
C TYR A 64 -19.03 -2.17 -12.23
N THR A 65 -19.50 -1.17 -12.99
CA THR A 65 -18.69 -0.55 -14.05
C THR A 65 -17.74 0.53 -13.50
N LYS A 66 -17.90 0.91 -12.22
CA LYS A 66 -17.04 1.90 -11.57
C LYS A 66 -15.98 1.22 -10.72
N HIS A 67 -16.39 0.16 -10.01
CA HIS A 67 -15.44 -0.71 -9.32
C HIS A 67 -15.86 -2.16 -9.53
N PRO A 68 -14.91 -3.04 -9.94
CA PRO A 68 -15.26 -4.42 -10.29
C PRO A 68 -16.02 -5.19 -9.21
N PHE A 69 -15.75 -4.89 -7.94
CA PHE A 69 -16.38 -5.55 -6.80
C PHE A 69 -17.31 -4.65 -6.00
N GLY A 70 -17.67 -3.51 -6.58
CA GLY A 70 -18.59 -2.57 -5.95
C GLY A 70 -18.07 -1.90 -4.69
N HIS A 71 -16.75 -1.74 -4.59
CA HIS A 71 -16.15 -1.04 -3.46
C HIS A 71 -16.26 0.48 -3.59
N ILE A 72 -16.27 1.15 -2.45
CA ILE A 72 -16.10 2.60 -2.37
C ILE A 72 -14.88 2.89 -1.49
N PRO A 73 -14.26 4.07 -1.65
CA PRO A 73 -14.60 5.13 -2.60
C PRO A 73 -13.97 4.94 -3.98
N VAL A 74 -14.58 5.56 -4.98
CA VAL A 74 -14.03 5.63 -6.33
C VAL A 74 -14.11 7.07 -6.78
N LEU A 75 -13.02 7.59 -7.35
CA LEU A 75 -13.05 8.88 -8.03
C LEU A 75 -13.32 8.66 -9.52
N GLU A 76 -14.16 9.51 -10.10
CA GLU A 76 -14.39 9.50 -11.53
C GLU A 76 -14.19 10.91 -12.07
N THR A 77 -13.32 11.05 -13.07
CA THR A 77 -12.96 12.37 -13.59
C THR A 77 -13.79 12.75 -14.81
N SER A 78 -13.65 14.00 -15.23
CA SER A 78 -14.33 14.51 -16.42
C SER A 78 -13.76 13.92 -17.72
N GLN A 79 -12.63 13.22 -17.62
CA GLN A 79 -12.10 12.45 -18.74
C GLN A 79 -12.44 10.96 -18.65
N SER A 80 -13.44 10.63 -17.83
CA SER A 80 -13.94 9.25 -17.68
C SER A 80 -12.94 8.28 -17.03
N GLN A 81 -11.97 8.83 -16.31
CA GLN A 81 -10.96 8.02 -15.62
C GLN A 81 -11.47 7.61 -14.25
N LEU A 82 -11.17 6.37 -13.84
CA LEU A 82 -11.56 5.85 -12.55
C LEU A 82 -10.32 5.63 -11.68
N ILE A 83 -10.37 6.14 -10.44
CA ILE A 83 -9.27 6.00 -9.49
C ILE A 83 -9.79 5.46 -8.15
N TYR A 84 -9.16 4.40 -7.66
CA TYR A 84 -9.56 3.76 -6.41
C TYR A 84 -8.39 2.93 -5.83
N GLU A 85 -8.40 2.54 -4.56
CA GLU A 85 -9.40 2.92 -3.56
C GLU A 85 -8.90 4.13 -2.77
N SER A 86 -9.08 4.19 -1.45
CA SER A 86 -8.97 5.46 -0.76
C SER A 86 -7.56 6.03 -0.72
N VAL A 87 -6.55 5.18 -0.54
CA VAL A 87 -5.18 5.67 -0.43
C VAL A 87 -4.69 6.22 -1.77
N ILE A 88 -4.89 5.44 -2.83
CA ILE A 88 -4.50 5.86 -4.17
C ILE A 88 -5.26 7.11 -4.58
N ALA A 89 -6.56 7.16 -4.25
CA ALA A 89 -7.39 8.34 -4.56
C ALA A 89 -6.88 9.60 -3.87
N CYS A 90 -6.54 9.48 -2.58
CA CYS A 90 -6.01 10.61 -1.82
C CYS A 90 -4.70 11.13 -2.39
N GLU A 91 -3.79 10.21 -2.72
CA GLU A 91 -2.54 10.61 -3.32
CA GLU A 91 -2.52 10.54 -3.35
C GLU A 91 -2.76 11.29 -4.66
N TYR A 92 -3.63 10.71 -5.49
CA TYR A 92 -3.94 11.31 -6.78
C TYR A 92 -4.42 12.74 -6.61
N LEU A 93 -5.37 12.94 -5.69
CA LEU A 93 -5.93 14.27 -5.45
C LEU A 93 -4.86 15.28 -5.04
N ASP A 94 -3.96 14.87 -4.15
CA ASP A 94 -2.96 15.78 -3.65
C ASP A 94 -1.98 16.20 -4.73
N ASP A 95 -1.64 15.26 -5.61
CA ASP A 95 -0.67 15.51 -6.68
C ASP A 95 -1.30 16.18 -7.90
N ALA A 96 -2.55 15.85 -8.21
CA ALA A 96 -3.21 16.38 -9.41
C ALA A 96 -3.73 17.80 -9.23
N TYR A 97 -4.07 18.18 -8.00
CA TYR A 97 -4.69 19.49 -7.76
C TYR A 97 -3.75 20.48 -7.09
N PRO A 98 -3.78 21.75 -7.54
CA PRO A 98 -2.88 22.78 -7.02
C PRO A 98 -3.36 23.36 -5.69
N GLY A 99 -2.70 24.43 -5.24
CA GLY A 99 -3.06 25.07 -3.98
C GLY A 99 -2.44 24.34 -2.81
N ARG A 100 -3.23 24.13 -1.77
CA ARG A 100 -2.74 23.52 -0.55
C ARG A 100 -2.26 22.10 -0.81
N LYS A 101 -1.00 21.83 -0.46
CA LYS A 101 -0.41 20.49 -0.58
CA LYS A 101 -0.46 20.48 -0.59
C LYS A 101 -0.45 19.81 0.78
N LEU A 102 -0.94 18.57 0.82
CA LEU A 102 -1.09 17.85 2.08
C LEU A 102 0.10 16.95 2.41
N PHE A 103 0.68 16.28 1.42
CA PHE A 103 1.91 15.52 1.65
C PHE A 103 3.06 16.52 1.73
N PRO A 104 4.10 16.21 2.55
CA PRO A 104 5.31 17.01 2.54
C PRO A 104 6.02 16.99 1.19
N TYR A 105 6.74 18.06 0.88
CA TYR A 105 7.56 18.13 -0.33
C TYR A 105 8.80 17.25 -0.25
N ASP A 106 9.38 17.13 0.96
CA ASP A 106 10.59 16.35 1.16
C ASP A 106 10.31 14.87 0.90
N PRO A 107 11.10 14.23 0.01
CA PRO A 107 10.85 12.82 -0.30
C PRO A 107 10.88 11.89 0.91
N TYR A 108 11.83 12.07 1.83
CA TYR A 108 11.88 11.24 3.04
C TYR A 108 10.63 11.44 3.91
N GLU A 109 10.29 12.70 4.17
CA GLU A 109 9.12 12.97 5.01
C GLU A 109 7.84 12.38 4.41
N ARG A 110 7.72 12.44 3.09
CA ARG A 110 6.59 11.84 2.40
C ARG A 110 6.60 10.32 2.55
N ALA A 111 7.78 9.70 2.37
CA ALA A 111 7.93 8.26 2.55
C ALA A 111 7.58 7.85 3.97
N ARG A 112 8.06 8.63 4.94
CA ARG A 112 7.74 8.39 6.36
C ARG A 112 6.23 8.39 6.61
N GLN A 113 5.51 9.30 5.96
CA GLN A 113 4.06 9.31 6.09
C GLN A 113 3.45 8.02 5.56
N LYS A 114 3.97 7.50 4.44
CA LYS A 114 3.48 6.22 3.91
C LYS A 114 3.80 5.08 4.88
N MET A 115 4.95 5.16 5.55
CA MET A 115 5.35 4.15 6.53
C MET A 115 4.42 4.19 7.75
N LEU A 116 4.03 5.38 8.16
CA LEU A 116 3.08 5.51 9.26
C LEU A 116 1.71 4.95 8.87
N LEU A 117 1.31 5.16 7.62
CA LEU A 117 0.06 4.57 7.11
C LEU A 117 0.13 3.04 7.21
N GLU A 118 1.27 2.46 6.85
CA GLU A 118 1.42 1.01 6.95
C GLU A 118 1.31 0.53 8.41
N LEU A 119 1.90 1.29 9.32
CA LEU A 119 1.83 0.99 10.77
C LEU A 119 0.39 0.96 11.28
N PHE A 120 -0.49 1.72 10.62
CA PHE A 120 -1.90 1.85 10.96
C PHE A 120 -2.78 0.73 10.37
N SER A 121 -2.20 -0.15 9.55
CA SER A 121 -3.02 -1.01 8.67
C SER A 121 -4.00 -1.96 9.36
N LYS A 122 -3.74 -2.33 10.61
CA LYS A 122 -4.63 -3.24 11.34
C LYS A 122 -5.79 -2.53 12.03
N VAL A 123 -5.71 -1.21 12.19
CA VAL A 123 -6.69 -0.47 13.00
C VAL A 123 -8.10 -0.50 12.41
N PRO A 124 -8.25 -0.30 11.10
CA PRO A 124 -9.62 -0.32 10.59
C PRO A 124 -10.37 -1.63 10.85
N HIS A 125 -9.73 -2.76 10.62
CA HIS A 125 -10.39 -4.05 10.86
CA HIS A 125 -10.31 -4.09 10.86
C HIS A 125 -10.60 -4.28 12.35
N LEU A 126 -9.65 -3.91 13.20
CA LEU A 126 -9.80 -4.09 14.64
C LEU A 126 -10.95 -3.24 15.21
N THR A 127 -11.07 -2.00 14.76
CA THR A 127 -12.17 -1.15 15.23
C THR A 127 -13.52 -1.74 14.85
N LYS A 128 -13.63 -2.22 13.60
CA LYS A 128 -14.86 -2.86 13.13
C LYS A 128 -15.19 -4.11 13.96
N GLU A 129 -14.19 -4.95 14.18
CA GLU A 129 -14.39 -6.18 14.96
CA GLU A 129 -14.40 -6.19 14.95
C GLU A 129 -14.79 -5.88 16.40
N CYS A 130 -14.20 -4.84 16.98
CA CYS A 130 -14.57 -4.40 18.34
C CYS A 130 -16.06 -3.98 18.38
N LEU A 131 -16.46 -3.16 17.41
CA LEU A 131 -17.86 -2.72 17.31
C LEU A 131 -18.81 -3.91 17.20
N VAL A 132 -18.51 -4.82 16.27
CA VAL A 132 -19.36 -5.99 16.06
C VAL A 132 -19.46 -6.84 17.32
N ALA A 133 -18.32 -7.03 18.01
CA ALA A 133 -18.31 -7.82 19.24
C ALA A 133 -19.17 -7.17 20.33
N LEU A 134 -18.98 -5.88 20.55
CA LEU A 134 -19.71 -5.15 21.60
C LEU A 134 -21.21 -5.10 21.32
N ARG A 135 -21.58 -4.88 20.06
CA ARG A 135 -22.98 -4.76 19.65
C ARG A 135 -23.72 -6.10 19.73
N SER A 136 -23.00 -7.20 19.52
CA SER A 136 -23.58 -8.54 19.56
C SER A 136 -23.41 -9.24 20.92
N GLY A 137 -22.73 -8.60 21.86
CA GLY A 137 -22.50 -9.20 23.18
C GLY A 137 -21.51 -10.35 23.20
N ARG A 138 -20.60 -10.36 22.22
CA ARG A 138 -19.54 -11.38 22.13
C ARG A 138 -18.30 -10.91 22.88
N GLU A 139 -17.31 -11.80 23.00
CA GLU A 139 -16.04 -11.48 23.67
C GLU A 139 -15.34 -10.29 23.00
N SER A 140 -14.81 -9.38 23.81
CA SER A 140 -14.10 -8.22 23.28
C SER A 140 -12.76 -7.91 23.98
N THR A 141 -12.41 -8.63 25.05
CA THR A 141 -11.18 -8.31 25.79
C THR A 141 -9.94 -8.37 24.90
N ASN A 142 -9.78 -9.47 24.17
CA ASN A 142 -8.59 -9.64 23.33
C ASN A 142 -8.56 -8.72 22.11
N LEU A 143 -9.72 -8.46 21.50
CA LEU A 143 -9.82 -7.48 20.42
C LEU A 143 -9.41 -6.08 20.90
N LYS A 144 -9.91 -5.67 22.07
CA LYS A 144 -9.57 -4.37 22.64
C LYS A 144 -8.10 -4.28 22.99
N ALA A 145 -7.55 -5.36 23.54
CA ALA A 145 -6.11 -5.41 23.85
C ALA A 145 -5.27 -5.25 22.58
N ALA A 146 -5.69 -5.93 21.51
CA ALA A 146 -5.02 -5.82 20.21
C ALA A 146 -5.06 -4.39 19.67
N LEU A 147 -6.21 -3.74 19.81
CA LEU A 147 -6.37 -2.36 19.34
C LEU A 147 -5.50 -1.44 20.18
N ARG A 148 -5.48 -1.65 21.50
CA ARG A 148 -4.65 -0.84 22.39
CA ARG A 148 -4.65 -0.85 22.40
C ARG A 148 -3.17 -0.94 22.01
N GLN A 149 -2.74 -2.13 21.59
CA GLN A 149 -1.35 -2.31 21.17
C GLN A 149 -1.03 -1.52 19.90
N GLU A 150 -1.94 -1.53 18.93
CA GLU A 150 -1.76 -0.75 17.72
C GLU A 150 -1.70 0.74 18.08
N PHE A 151 -2.60 1.19 18.95
CA PHE A 151 -2.58 2.58 19.41
C PHE A 151 -1.30 2.92 20.18
N SER A 152 -0.79 1.99 20.98
CA SER A 152 0.50 2.19 21.65
C SER A 152 1.64 2.43 20.65
N ASN A 153 1.61 1.74 19.51
CA ASN A 153 2.62 1.95 18.47
C ASN A 153 2.56 3.40 17.96
N LEU A 154 1.35 3.90 17.74
CA LEU A 154 1.15 5.26 17.25
C LEU A 154 1.54 6.28 18.32
N GLU A 155 1.18 6.02 19.57
CA GLU A 155 1.56 6.85 20.70
C GLU A 155 3.09 7.03 20.76
N GLU A 156 3.81 5.92 20.59
CA GLU A 156 5.27 5.93 20.62
CA GLU A 156 5.27 5.95 20.65
C GLU A 156 5.85 6.89 19.59
N ILE A 157 5.23 6.93 18.41
CA ILE A 157 5.66 7.82 17.33
C ILE A 157 5.49 9.28 17.76
N LEU A 158 4.32 9.63 18.27
CA LEU A 158 4.10 11.00 18.74
C LEU A 158 5.02 11.39 19.89
N GLU A 159 5.22 10.46 20.84
CA GLU A 159 6.08 10.76 21.98
CA GLU A 159 6.10 10.71 21.99
C GLU A 159 7.53 10.91 21.56
N TYR A 160 8.00 10.08 20.63
CA TYR A 160 9.37 10.16 20.13
C TYR A 160 9.63 11.47 19.38
N GLN A 161 8.71 11.81 18.48
CA GLN A 161 8.82 13.02 17.66
C GLN A 161 8.59 14.28 18.48
N ASN A 162 7.80 14.16 19.55
CA ASN A 162 7.42 15.28 20.38
C ASN A 162 6.71 16.37 19.57
N THR A 163 5.81 15.93 18.69
CA THR A 163 4.98 16.83 17.92
C THR A 163 3.52 16.48 18.11
N THR A 164 2.66 17.47 17.88
CA THR A 164 1.23 17.29 18.03
C THR A 164 0.65 16.34 16.99
N PHE A 165 1.09 16.50 15.74
CA PHE A 165 0.59 15.68 14.63
C PHE A 165 1.60 14.62 14.18
N PHE A 166 1.15 13.65 13.38
CA PHE A 166 2.01 12.55 12.96
C PHE A 166 3.10 12.98 11.97
N GLY A 167 2.88 14.07 11.25
CA GLY A 167 3.85 14.60 10.30
C GLY A 167 4.61 15.82 10.77
N GLY A 168 4.41 16.20 12.03
CA GLY A 168 5.12 17.35 12.60
C GLY A 168 4.21 18.26 13.39
N THR A 169 4.56 19.54 13.42
CA THR A 169 3.86 20.52 14.27
C THR A 169 2.55 21.03 13.66
N SER A 170 2.31 20.75 12.39
CA SER A 170 1.02 21.09 11.76
C SER A 170 0.41 19.88 11.09
N ILE A 171 -0.89 19.98 10.82
CA ILE A 171 -1.65 18.88 10.23
C ILE A 171 -1.16 18.64 8.81
N SER A 172 -1.22 17.38 8.37
CA SER A 172 -0.81 17.03 7.02
C SER A 172 -1.55 15.78 6.56
N MET A 173 -1.22 15.28 5.36
CA MET A 173 -1.93 14.16 4.76
C MET A 173 -2.14 13.00 5.73
N ILE A 174 -1.06 12.57 6.38
CA ILE A 174 -1.12 11.39 7.23
C ILE A 174 -2.22 11.49 8.29
N ASP A 175 -2.41 12.68 8.87
CA ASP A 175 -3.39 12.84 9.92
C ASP A 175 -4.80 12.61 9.38
N TYR A 176 -5.09 13.21 8.22
CA TYR A 176 -6.39 12.99 7.56
C TYR A 176 -6.61 11.54 7.18
N LEU A 177 -5.56 10.83 6.79
CA LEU A 177 -5.68 9.42 6.41
C LEU A 177 -6.07 8.53 7.59
N LEU A 178 -5.65 8.91 8.79
CA LEU A 178 -5.94 8.13 9.99
C LEU A 178 -7.26 8.54 10.65
N TRP A 179 -7.64 9.80 10.49
CA TRP A 179 -8.75 10.39 11.28
C TRP A 179 -10.09 9.62 11.35
N PRO A 180 -10.60 9.11 10.21
CA PRO A 180 -11.98 8.59 10.28
C PRO A 180 -12.22 7.56 11.39
N TRP A 181 -11.24 6.70 11.63
CA TRP A 181 -11.40 5.64 12.62
C TRP A 181 -11.31 6.20 14.03
N PHE A 182 -10.52 7.25 14.23
CA PHE A 182 -10.47 7.92 15.53
C PHE A 182 -11.74 8.70 15.84
N GLU A 183 -12.33 9.32 14.82
CA GLU A 183 -13.64 9.96 15.02
C GLU A 183 -14.68 8.98 15.52
N ARG A 184 -14.58 7.73 15.07
CA ARG A 184 -15.59 6.73 15.35
C ARG A 184 -15.46 6.03 16.70
N LEU A 185 -14.34 6.23 17.41
CA LEU A 185 -14.12 5.53 18.68
C LEU A 185 -15.27 5.77 19.66
N ASP A 186 -15.71 7.03 19.75
CA ASP A 186 -16.76 7.43 20.68
C ASP A 186 -18.04 6.62 20.47
N VAL A 187 -18.62 6.70 19.28
CA VAL A 187 -19.89 6.02 19.00
CA VAL A 187 -19.89 6.02 19.00
C VAL A 187 -19.71 4.50 18.91
N TYR A 188 -18.51 4.04 18.53
CA TYR A 188 -18.23 2.60 18.51
C TYR A 188 -18.16 2.02 19.92
N GLY A 189 -18.04 2.89 20.93
CA GLY A 189 -17.99 2.45 22.33
C GLY A 189 -16.62 1.99 22.76
N ILE A 190 -15.57 2.45 22.06
CA ILE A 190 -14.21 2.01 22.33
C ILE A 190 -13.25 3.18 22.58
N LEU A 191 -13.79 4.29 23.07
CA LEU A 191 -12.95 5.41 23.47
C LEU A 191 -12.01 4.99 24.62
N ASP A 192 -12.41 3.97 25.39
CA ASP A 192 -11.53 3.42 26.43
C ASP A 192 -10.20 2.90 25.90
N CYS A 193 -10.12 2.63 24.60
CA CYS A 193 -8.90 2.07 24.01
C CYS A 193 -7.78 3.11 23.77
N VAL A 194 -8.06 4.39 24.01
CA VAL A 194 -7.00 5.43 24.04
C VAL A 194 -6.76 5.97 25.47
N SER A 195 -7.22 5.23 26.48
CA SER A 195 -7.07 5.69 27.87
C SER A 195 -5.62 5.63 28.37
N HIS A 196 -4.77 4.89 27.66
CA HIS A 196 -3.37 4.70 28.04
C HIS A 196 -2.40 5.48 27.18
N THR A 197 -2.94 6.30 26.27
CA THR A 197 -2.15 6.98 25.24
C THR A 197 -2.47 8.48 25.24
N PRO A 198 -1.80 9.26 26.10
CA PRO A 198 -2.13 10.68 26.26
C PRO A 198 -1.81 11.56 25.05
N ALA A 199 -0.71 11.27 24.35
CA ALA A 199 -0.41 12.01 23.12
C ALA A 199 -1.49 11.83 22.07
N LEU A 200 -2.00 10.60 21.94
CA LEU A 200 -3.07 10.30 21.00
CA LEU A 200 -3.09 10.31 21.00
C LEU A 200 -4.35 11.06 21.37
N ARG A 201 -4.68 11.12 22.67
CA ARG A 201 -5.85 11.89 23.13
C ARG A 201 -5.69 13.39 22.78
N LEU A 202 -4.49 13.94 22.99
CA LEU A 202 -4.23 15.32 22.56
C LEU A 202 -4.40 15.48 21.05
N TRP A 203 -3.92 14.51 20.29
CA TRP A 203 -4.03 14.55 18.84
C TRP A 203 -5.49 14.55 18.40
N ILE A 204 -6.31 13.72 19.04
CA ILE A 204 -7.75 13.67 18.74
C ILE A 204 -8.37 15.06 18.85
N SER A 205 -8.06 15.79 19.91
CA SER A 205 -8.56 17.15 20.09
C SER A 205 -8.02 18.09 19.01
N ALA A 206 -6.72 18.02 18.72
CA ALA A 206 -6.12 18.84 17.68
C ALA A 206 -6.84 18.63 16.33
N MET A 207 -7.20 17.38 16.06
CA MET A 207 -7.91 17.05 14.84
C MET A 207 -9.32 17.64 14.85
N LYS A 208 -10.03 17.49 15.95
CA LYS A 208 -11.39 18.04 16.04
C LYS A 208 -11.43 19.56 15.83
N TRP A 209 -10.34 20.23 16.21
CA TRP A 209 -10.20 21.68 16.04
C TRP A 209 -9.80 22.10 14.62
N ASP A 210 -9.35 21.16 13.79
CA ASP A 210 -9.01 21.46 12.40
C ASP A 210 -10.27 21.80 11.60
N PRO A 211 -10.23 22.89 10.82
CA PRO A 211 -11.43 23.32 10.07
C PRO A 211 -12.01 22.26 9.14
N THR A 212 -11.15 21.47 8.50
CA THR A 212 -11.61 20.45 7.56
C THR A 212 -12.26 19.31 8.30
N VAL A 213 -11.59 18.83 9.34
CA VAL A 213 -12.15 17.77 10.18
C VAL A 213 -13.49 18.21 10.75
N SER A 214 -13.53 19.41 11.32
CA SER A 214 -14.74 19.93 11.95
C SER A 214 -15.90 20.02 10.95
N ALA A 215 -15.60 20.45 9.73
CA ALA A 215 -16.61 20.59 8.68
C ALA A 215 -17.29 19.26 8.33
N LEU A 216 -16.54 18.16 8.38
CA LEU A 216 -17.07 16.83 8.02
CA LEU A 216 -17.08 16.84 8.03
C LEU A 216 -17.44 15.98 9.25
N LEU A 217 -17.28 16.54 10.44
CA LEU A 217 -17.56 15.78 11.66
C LEU A 217 -19.03 15.37 11.72
N MET A 218 -19.26 14.09 11.97
CA MET A 218 -20.60 13.52 11.99
CA MET A 218 -20.62 13.55 11.97
C MET A 218 -21.36 13.91 13.27
N ASP A 219 -22.64 14.22 13.13
CA ASP A 219 -23.48 14.42 14.29
C ASP A 219 -23.58 13.08 15.01
N LYS A 220 -23.25 13.06 16.30
CA LYS A 220 -23.19 11.81 17.06
C LYS A 220 -24.52 11.07 17.07
N SER A 221 -25.62 11.81 17.23
CA SER A 221 -26.95 11.21 17.30
C SER A 221 -27.36 10.55 15.97
N ILE A 222 -27.01 11.19 14.85
CA ILE A 222 -27.34 10.62 13.53
C ILE A 222 -26.51 9.37 13.26
N PHE A 223 -25.25 9.39 13.67
CA PHE A 223 -24.36 8.24 13.51
C PHE A 223 -24.81 7.08 14.40
N GLN A 224 -25.17 7.39 15.65
CA GLN A 224 -25.78 6.40 16.54
C GLN A 224 -27.02 5.76 15.93
N GLY A 225 -27.87 6.59 15.32
CA GLY A 225 -29.08 6.11 14.66
C GLY A 225 -28.78 5.20 13.48
N PHE A 226 -27.78 5.56 12.68
CA PHE A 226 -27.34 4.72 11.57
C PHE A 226 -26.89 3.34 12.06
N LEU A 227 -26.05 3.31 13.09
CA LEU A 227 -25.54 2.04 13.61
C LEU A 227 -26.69 1.19 14.16
N ASN A 228 -27.62 1.82 14.87
CA ASN A 228 -28.79 1.12 15.38
C ASN A 228 -29.59 0.49 14.23
N LEU A 229 -29.85 1.27 13.19
CA LEU A 229 -30.54 0.76 11.99
C LEU A 229 -29.73 -0.34 11.30
N TYR A 230 -28.41 -0.16 11.25
CA TYR A 230 -27.53 -1.14 10.61
C TYR A 230 -27.59 -2.49 11.33
N PHE A 231 -27.43 -2.49 12.65
CA PHE A 231 -27.43 -3.74 13.41
C PHE A 231 -28.82 -4.35 13.58
N GLN A 232 -29.85 -3.53 13.40
CA GLN A 232 -31.23 -4.00 13.35
C GLN A 232 -31.58 -4.61 11.99
N ASN A 233 -30.65 -4.60 11.04
CA ASN A 233 -30.89 -5.02 9.67
C ASN A 233 -32.08 -4.29 9.03
N ASN A 234 -32.20 -3.00 9.33
CA ASN A 234 -33.21 -2.15 8.73
C ASN A 234 -32.64 -1.59 7.43
N PRO A 235 -33.34 -1.78 6.30
CA PRO A 235 -32.78 -1.31 5.01
C PRO A 235 -32.59 0.21 4.91
N ASN A 236 -33.27 0.97 5.75
CA ASN A 236 -33.18 2.44 5.74
C ASN A 236 -31.82 2.97 6.20
N ALA A 237 -31.04 2.13 6.87
CA ALA A 237 -29.67 2.47 7.24
C ALA A 237 -28.84 2.86 6.02
N PHE A 238 -29.09 2.19 4.89
CA PHE A 238 -28.34 2.41 3.65
C PHE A 238 -29.04 3.32 2.64
N ASP A 239 -30.16 3.93 3.03
CA ASP A 239 -30.87 4.88 2.16
C ASP A 239 -30.20 6.25 2.19
N ARG B 7 28.69 -10.94 0.77
N ARG B 7 28.87 -11.50 0.82
CA ARG B 7 28.59 -12.01 1.81
CA ARG B 7 28.84 -12.25 2.11
C ARG B 7 27.67 -11.54 2.94
C ARG B 7 27.82 -11.64 3.09
N THR B 8 26.76 -12.40 3.37
CA THR B 8 25.65 -11.96 4.23
C THR B 8 26.09 -11.79 5.68
N LEU B 9 25.53 -10.77 6.32
CA LEU B 9 25.77 -10.51 7.73
C LEU B 9 24.67 -11.14 8.57
N GLY B 10 25.07 -11.83 9.64
CA GLY B 10 24.11 -12.51 10.51
C GLY B 10 24.47 -12.29 11.96
N LYS B 11 23.84 -13.10 12.82
CA LYS B 11 24.15 -13.14 14.25
C LYS B 11 25.66 -13.17 14.47
N GLY B 12 26.16 -12.24 15.28
CA GLY B 12 27.59 -12.13 15.55
C GLY B 12 28.34 -11.09 14.74
N SER B 13 27.78 -10.64 13.62
CA SER B 13 28.43 -9.65 12.77
CA SER B 13 28.41 -9.64 12.76
C SER B 13 28.39 -8.26 13.41
N GLN B 14 29.44 -7.47 13.19
CA GLN B 14 29.48 -6.09 13.68
C GLN B 14 28.57 -5.20 12.83
N PRO B 15 27.93 -4.20 13.45
CA PRO B 15 27.08 -3.30 12.66
C PRO B 15 27.88 -2.57 11.60
N PRO B 16 27.27 -2.25 10.45
CA PRO B 16 28.00 -1.45 9.47
C PRO B 16 28.17 -0.02 9.97
N GLY B 17 29.14 0.69 9.41
CA GLY B 17 29.35 2.09 9.78
C GLY B 17 28.25 2.96 9.21
N PRO B 18 28.33 4.28 9.47
CA PRO B 18 27.38 5.18 8.85
C PRO B 18 27.51 5.20 7.32
N VAL B 19 26.41 5.48 6.64
CA VAL B 19 26.40 5.58 5.19
C VAL B 19 27.12 6.87 4.78
N PRO B 20 28.16 6.76 3.94
CA PRO B 20 28.88 7.95 3.49
C PRO B 20 28.03 8.91 2.68
N GLU B 21 28.32 10.21 2.78
CA GLU B 21 27.68 11.22 1.95
C GLU B 21 27.89 10.87 0.48
N GLY B 22 26.82 10.96 -0.31
CA GLY B 22 26.88 10.63 -1.75
C GLY B 22 26.52 9.18 -2.05
N LEU B 23 26.18 8.42 -1.01
CA LEU B 23 25.76 7.03 -1.16
CA LEU B 23 25.78 7.02 -1.15
C LEU B 23 24.46 6.78 -0.42
N ILE B 24 23.73 5.75 -0.84
CA ILE B 24 22.59 5.24 -0.09
C ILE B 24 22.83 3.73 0.06
N ARG B 25 22.37 3.18 1.17
CA ARG B 25 22.58 1.78 1.46
C ARG B 25 21.26 1.04 1.35
N ILE B 26 21.29 -0.16 0.79
CA ILE B 26 20.13 -1.05 0.85
C ILE B 26 20.51 -2.33 1.60
N TYR B 27 19.67 -2.68 2.57
CA TYR B 27 19.77 -3.97 3.25
C TYR B 27 18.89 -4.94 2.47
N SER B 28 19.49 -6.06 2.07
CA SER B 28 18.91 -6.94 1.07
C SER B 28 19.26 -8.40 1.35
N MET B 29 18.90 -9.28 0.43
CA MET B 29 19.38 -10.67 0.41
C MET B 29 19.27 -11.08 -1.06
N ARG B 30 20.29 -11.77 -1.58
CA ARG B 30 20.44 -11.90 -3.04
C ARG B 30 19.27 -12.62 -3.74
N PHE B 31 18.50 -13.41 -2.98
CA PHE B 31 17.38 -14.17 -3.57
C PHE B 31 16.00 -13.65 -3.17
N CYS B 32 15.94 -12.53 -2.46
CA CYS B 32 14.68 -11.93 -2.04
C CYS B 32 14.05 -11.13 -3.18
N PRO B 33 12.82 -11.51 -3.60
CA PRO B 33 12.21 -10.80 -4.73
C PRO B 33 11.74 -9.38 -4.40
N TYR B 34 11.37 -9.12 -3.15
CA TYR B 34 11.01 -7.77 -2.73
C TYR B 34 12.21 -6.84 -2.79
N SER B 35 13.35 -7.31 -2.30
CA SER B 35 14.57 -6.53 -2.36
C SER B 35 15.05 -6.37 -3.81
N HIS B 36 14.83 -7.40 -4.63
CA HIS B 36 15.16 -7.36 -6.05
C HIS B 36 14.48 -6.15 -6.73
N ARG B 37 13.20 -5.90 -6.40
CA ARG B 37 12.50 -4.70 -6.87
C ARG B 37 13.29 -3.43 -6.66
N THR B 38 13.73 -3.24 -5.43
CA THR B 38 14.35 -1.99 -5.03
C THR B 38 15.74 -1.89 -5.65
N ARG B 39 16.42 -3.03 -5.76
CA ARG B 39 17.71 -3.06 -6.45
C ARG B 39 17.58 -2.71 -7.93
N LEU B 40 16.50 -3.15 -8.57
CA LEU B 40 16.25 -2.77 -9.97
C LEU B 40 16.07 -1.25 -10.11
N VAL B 41 15.32 -0.64 -9.19
CA VAL B 41 15.08 0.80 -9.26
C VAL B 41 16.38 1.59 -9.00
N LEU B 42 17.16 1.14 -8.03
CA LEU B 42 18.49 1.72 -7.78
C LEU B 42 19.38 1.72 -9.02
N LYS B 43 19.46 0.57 -9.69
CA LYS B 43 20.29 0.42 -10.89
C LYS B 43 19.72 1.20 -12.07
N ALA B 44 18.42 1.10 -12.28
CA ALA B 44 17.76 1.76 -13.41
C ALA B 44 17.94 3.27 -13.38
N LYS B 45 17.99 3.83 -12.18
CA LYS B 45 18.19 5.28 -12.00
C LYS B 45 19.65 5.68 -11.86
N ASP B 46 20.56 4.71 -11.96
CA ASP B 46 22.00 4.97 -11.87
C ASP B 46 22.35 5.66 -10.54
N ILE B 47 21.72 5.20 -9.46
CA ILE B 47 21.95 5.73 -8.13
C ILE B 47 23.16 5.03 -7.53
N ARG B 48 24.06 5.82 -6.95
CA ARG B 48 25.25 5.29 -6.26
CA ARG B 48 25.23 5.25 -6.30
C ARG B 48 24.81 4.66 -4.96
N HIS B 49 25.00 3.35 -4.83
CA HIS B 49 24.52 2.66 -3.64
C HIS B 49 25.42 1.49 -3.27
N GLU B 50 25.26 1.05 -2.03
CA GLU B 50 25.93 -0.15 -1.55
C GLU B 50 24.88 -1.12 -1.04
N VAL B 51 25.16 -2.41 -1.21
CA VAL B 51 24.25 -3.46 -0.80
C VAL B 51 24.86 -4.18 0.39
N VAL B 52 24.07 -4.29 1.47
CA VAL B 52 24.43 -5.08 2.63
C VAL B 52 23.43 -6.23 2.71
N ASN B 53 23.92 -7.45 2.50
CA ASN B 53 23.05 -8.62 2.56
C ASN B 53 22.91 -9.13 3.97
N ILE B 54 21.70 -9.60 4.29
CA ILE B 54 21.35 -10.04 5.63
C ILE B 54 21.02 -11.53 5.64
N ASN B 55 21.53 -12.23 6.65
CA ASN B 55 21.20 -13.63 6.87
C ASN B 55 19.81 -13.71 7.50
N LEU B 56 18.82 -14.11 6.72
CA LEU B 56 17.43 -14.08 7.16
C LEU B 56 17.09 -15.15 8.21
N ARG B 57 17.83 -16.24 8.23
CA ARG B 57 17.61 -17.31 9.21
C ARG B 57 18.16 -16.96 10.59
N ASN B 58 19.34 -16.34 10.62
CA ASN B 58 20.01 -15.94 11.85
C ASN B 58 20.47 -14.49 11.73
N LYS B 59 19.53 -13.58 11.93
CA LYS B 59 19.76 -12.17 11.67
C LYS B 59 20.69 -11.56 12.70
N PRO B 60 21.45 -10.53 12.30
CA PRO B 60 22.19 -9.78 13.31
C PRO B 60 21.20 -9.07 14.23
N GLU B 61 21.47 -9.07 15.53
CA GLU B 61 20.57 -8.43 16.49
CA GLU B 61 20.56 -8.44 16.48
C GLU B 61 20.46 -6.93 16.22
N TRP B 62 21.56 -6.32 15.80
CA TRP B 62 21.53 -4.90 15.41
C TRP B 62 20.60 -4.61 14.23
N TYR B 63 20.25 -5.63 13.44
CA TYR B 63 19.41 -5.40 12.27
C TYR B 63 17.97 -5.00 12.66
N TYR B 64 17.56 -5.35 13.88
CA TYR B 64 16.24 -4.94 14.36
C TYR B 64 16.15 -3.44 14.69
N THR B 65 17.29 -2.74 14.66
CA THR B 65 17.29 -1.28 14.73
C THR B 65 17.11 -0.66 13.34
N LYS B 66 17.11 -1.49 12.30
CA LYS B 66 16.89 -1.03 10.92
C LYS B 66 15.44 -1.29 10.51
N HIS B 67 14.93 -2.47 10.86
CA HIS B 67 13.51 -2.78 10.73
C HIS B 67 13.07 -3.52 11.99
N PRO B 68 11.97 -3.07 12.63
CA PRO B 68 11.56 -3.65 13.90
C PRO B 68 11.33 -5.18 13.90
N PHE B 69 10.98 -5.74 12.74
CA PHE B 69 10.78 -7.18 12.59
C PHE B 69 11.86 -7.84 11.72
N GLY B 70 12.92 -7.10 11.43
CA GLY B 70 14.02 -7.61 10.62
C GLY B 70 13.66 -7.91 9.18
N HIS B 71 12.67 -7.20 8.64
CA HIS B 71 12.29 -7.35 7.23
C HIS B 71 13.31 -6.65 6.32
N ILE B 72 13.34 -7.11 5.08
CA ILE B 72 14.07 -6.47 3.99
C ILE B 72 13.09 -6.26 2.84
N PRO B 73 13.36 -5.28 1.96
CA PRO B 73 14.50 -4.36 1.97
C PRO B 73 14.29 -3.17 2.87
N VAL B 74 15.40 -2.60 3.33
CA VAL B 74 15.42 -1.32 4.03
C VAL B 74 16.48 -0.42 3.39
N LEU B 75 16.12 0.81 3.08
CA LEU B 75 17.11 1.82 2.68
C LEU B 75 17.59 2.59 3.91
N GLU B 76 18.90 2.84 3.97
CA GLU B 76 19.48 3.75 4.97
C GLU B 76 20.26 4.87 4.28
N THR B 77 19.92 6.12 4.63
CA THR B 77 20.55 7.28 4.01
C THR B 77 21.75 7.77 4.80
N SER B 78 22.51 8.69 4.20
CA SER B 78 23.63 9.35 4.88
C SER B 78 23.18 10.25 6.04
N GLN B 79 21.89 10.54 6.13
CA GLN B 79 21.33 11.27 7.27
C GLN B 79 20.69 10.32 8.29
N SER B 80 21.02 9.04 8.21
CA SER B 80 20.57 8.01 9.15
C SER B 80 19.06 7.76 9.08
N GLN B 81 18.44 8.10 7.94
CA GLN B 81 17.00 7.87 7.73
C GLN B 81 16.76 6.46 7.24
N LEU B 82 15.69 5.82 7.72
CA LEU B 82 15.34 4.47 7.32
C LEU B 82 14.04 4.47 6.53
N ILE B 83 14.07 3.85 5.35
CA ILE B 83 12.90 3.77 4.47
C ILE B 83 12.63 2.32 4.09
N TYR B 84 11.38 1.89 4.27
CA TYR B 84 10.97 0.51 3.98
C TYR B 84 9.45 0.42 3.83
N GLU B 85 8.90 -0.66 3.25
CA GLU B 85 9.62 -1.77 2.65
C GLU B 85 9.73 -1.51 1.14
N SER B 86 9.55 -2.51 0.28
CA SER B 86 10.01 -2.37 -1.11
C SER B 86 9.28 -1.29 -1.92
N VAL B 87 7.95 -1.21 -1.80
CA VAL B 87 7.20 -0.26 -2.63
C VAL B 87 7.47 1.17 -2.18
N ILE B 88 7.43 1.42 -0.88
CA ILE B 88 7.73 2.74 -0.31
C ILE B 88 9.17 3.16 -0.65
N ALA B 89 10.10 2.22 -0.57
CA ALA B 89 11.50 2.48 -0.95
C ALA B 89 11.64 2.86 -2.41
N CYS B 90 10.98 2.13 -3.30
CA CYS B 90 11.04 2.44 -4.73
C CYS B 90 10.47 3.84 -5.02
N GLU B 91 9.34 4.15 -4.36
N GLU B 91 9.36 4.19 -4.36
CA GLU B 91 8.72 5.48 -4.47
CA GLU B 91 8.76 5.50 -4.56
C GLU B 91 9.70 6.57 -4.06
C GLU B 91 9.63 6.63 -4.01
N TYR B 92 10.30 6.38 -2.89
CA TYR B 92 11.24 7.34 -2.34
C TYR B 92 12.39 7.61 -3.29
N LEU B 93 12.97 6.54 -3.83
CA LEU B 93 14.11 6.66 -4.73
C LEU B 93 13.73 7.44 -5.98
N ASP B 94 12.56 7.18 -6.52
CA ASP B 94 12.15 7.87 -7.74
C ASP B 94 11.93 9.36 -7.50
N ASP B 95 11.39 9.71 -6.32
N ASP B 95 11.41 9.68 -6.31
CA ASP B 95 11.15 11.10 -5.95
CA ASP B 95 11.13 11.05 -5.91
C ASP B 95 12.43 11.81 -5.54
C ASP B 95 12.40 11.80 -5.51
N ALA B 96 13.28 11.12 -4.79
CA ALA B 96 14.48 11.75 -4.20
C ALA B 96 15.63 11.95 -5.19
N TYR B 97 15.74 11.08 -6.18
CA TYR B 97 16.80 11.19 -7.19
C TYR B 97 16.16 11.64 -8.51
N PRO B 98 16.40 12.90 -8.93
CA PRO B 98 15.66 13.50 -10.06
C PRO B 98 15.86 12.81 -11.41
N GLY B 99 17.08 12.36 -11.68
CA GLY B 99 17.42 11.72 -12.95
C GLY B 99 16.59 10.48 -13.27
N ARG B 100 16.35 10.27 -14.56
CA ARG B 100 15.50 9.20 -15.08
C ARG B 100 14.30 8.80 -14.21
N LYS B 101 13.24 9.58 -14.31
CA LYS B 101 12.00 9.30 -13.57
C LYS B 101 11.34 8.03 -14.10
N LEU B 102 11.01 7.12 -13.21
CA LEU B 102 10.39 5.84 -13.58
C LEU B 102 8.87 5.88 -13.51
N PHE B 103 8.32 6.64 -12.57
CA PHE B 103 6.86 6.82 -12.52
C PHE B 103 6.47 7.83 -13.61
N PRO B 104 5.25 7.72 -14.16
N PRO B 104 5.29 7.66 -14.22
CA PRO B 104 4.72 8.63 -15.19
CA PRO B 104 4.86 8.60 -15.25
C PRO B 104 4.66 10.11 -14.79
C PRO B 104 4.56 9.97 -14.66
N TYR B 105 4.58 11.00 -15.79
N TYR B 105 4.66 11.00 -15.49
CA TYR B 105 4.46 12.44 -15.53
CA TYR B 105 4.46 12.36 -15.03
C TYR B 105 3.05 12.84 -15.08
C TYR B 105 2.99 12.66 -14.76
N ASP B 106 2.07 12.08 -15.56
CA ASP B 106 0.64 12.35 -15.36
C ASP B 106 0.20 11.75 -14.02
N PRO B 107 -0.37 12.57 -13.11
CA PRO B 107 -0.88 12.04 -11.83
C PRO B 107 -1.88 10.88 -11.99
N TYR B 108 -2.73 10.92 -13.01
CA TYR B 108 -3.62 9.79 -13.27
C TYR B 108 -2.81 8.54 -13.63
N GLU B 109 -1.84 8.68 -14.53
CA GLU B 109 -1.05 7.52 -14.94
C GLU B 109 -0.26 6.92 -13.78
N ARG B 110 0.24 7.77 -12.89
CA ARG B 110 0.91 7.28 -11.68
CA ARG B 110 0.91 7.26 -11.70
C ARG B 110 -0.06 6.48 -10.82
N ALA B 111 -1.27 7.03 -10.65
CA ALA B 111 -2.30 6.35 -9.88
C ALA B 111 -2.67 5.01 -10.53
N ARG B 112 -2.77 5.01 -11.86
CA ARG B 112 -3.07 3.78 -12.59
C ARG B 112 -2.00 2.71 -12.36
N GLN B 113 -0.72 3.11 -12.32
CA GLN B 113 0.34 2.15 -12.05
C GLN B 113 0.19 1.55 -10.66
N LYS B 114 -0.20 2.38 -9.69
CA LYS B 114 -0.41 1.89 -8.32
C LYS B 114 -1.65 0.98 -8.23
N MET B 115 -2.65 1.25 -9.06
CA MET B 115 -3.81 0.36 -9.17
C MET B 115 -3.42 -0.98 -9.78
N LEU B 116 -2.53 -0.98 -10.78
CA LEU B 116 -2.02 -2.21 -11.37
CA LEU B 116 -2.04 -2.23 -11.37
C LEU B 116 -1.25 -3.02 -10.33
N LEU B 117 -0.44 -2.33 -9.53
CA LEU B 117 0.30 -2.98 -8.45
C LEU B 117 -0.64 -3.68 -7.47
N GLU B 118 -1.75 -3.03 -7.14
CA GLU B 118 -2.75 -3.68 -6.28
C GLU B 118 -3.34 -4.92 -6.94
N LEU B 119 -3.56 -4.87 -8.25
CA LEU B 119 -4.07 -6.01 -9.00
C LEU B 119 -3.14 -7.23 -8.90
N PHE B 120 -1.86 -6.94 -8.72
CA PHE B 120 -0.78 -7.94 -8.65
C PHE B 120 -0.59 -8.53 -7.25
N SER B 121 -1.35 -8.05 -6.27
CA SER B 121 -1.03 -8.31 -4.86
C SER B 121 -1.01 -9.78 -4.42
N LYS B 122 -1.70 -10.66 -5.14
CA LYS B 122 -1.77 -12.08 -4.78
CA LYS B 122 -1.76 -12.08 -4.77
C LYS B 122 -0.60 -12.89 -5.38
N VAL B 123 0.05 -12.33 -6.39
CA VAL B 123 1.07 -13.12 -7.13
C VAL B 123 2.28 -13.54 -6.28
N PRO B 124 2.84 -12.63 -5.46
CA PRO B 124 3.99 -13.09 -4.66
C PRO B 124 3.66 -14.29 -3.78
N HIS B 125 2.53 -14.24 -3.09
CA HIS B 125 2.12 -15.35 -2.23
C HIS B 125 1.87 -16.63 -3.03
N LEU B 126 1.21 -16.49 -4.18
CA LEU B 126 0.86 -17.66 -4.97
C LEU B 126 2.09 -18.34 -5.56
N THR B 127 3.04 -17.55 -6.07
CA THR B 127 4.26 -18.12 -6.64
C THR B 127 5.05 -18.86 -5.57
N LYS B 128 5.10 -18.27 -4.36
CA LYS B 128 5.80 -18.90 -3.23
C LYS B 128 5.14 -20.21 -2.82
N GLU B 129 3.82 -20.19 -2.71
CA GLU B 129 3.07 -21.39 -2.32
C GLU B 129 3.20 -22.48 -3.40
N CYS B 130 3.22 -22.09 -4.67
CA CYS B 130 3.48 -23.05 -5.76
C CYS B 130 4.80 -23.75 -5.57
N LEU B 131 5.85 -22.97 -5.34
CA LEU B 131 7.20 -23.51 -5.12
C LEU B 131 7.23 -24.49 -3.95
N VAL B 132 6.69 -24.08 -2.82
CA VAL B 132 6.65 -24.91 -1.63
C VAL B 132 5.90 -26.22 -1.89
N ALA B 133 4.77 -26.13 -2.59
CA ALA B 133 3.96 -27.31 -2.91
C ALA B 133 4.72 -28.29 -3.81
N LEU B 134 5.31 -27.76 -4.88
CA LEU B 134 6.09 -28.56 -5.82
C LEU B 134 7.30 -29.21 -5.14
N ARG B 135 7.98 -28.45 -4.30
CA ARG B 135 9.18 -28.93 -3.59
C ARG B 135 8.88 -29.94 -2.49
N SER B 136 7.68 -29.85 -1.91
CA SER B 136 7.28 -30.76 -0.84
C SER B 136 6.43 -31.93 -1.35
N GLY B 137 6.16 -31.96 -2.66
CA GLY B 137 5.33 -33.02 -3.25
C GLY B 137 3.85 -32.92 -2.90
N ARG B 138 3.40 -31.72 -2.55
CA ARG B 138 2.00 -31.48 -2.22
C ARG B 138 1.22 -31.06 -3.46
N GLU B 139 -0.11 -31.17 -3.40
CA GLU B 139 -0.97 -30.82 -4.52
C GLU B 139 -0.76 -29.38 -4.96
N SER B 140 -0.56 -29.18 -6.26
CA SER B 140 -0.31 -27.84 -6.81
C SER B 140 -1.31 -27.39 -7.87
N THR B 141 -2.32 -28.23 -8.17
CA THR B 141 -3.27 -27.94 -9.24
C THR B 141 -4.04 -26.64 -8.98
N ASN B 142 -4.58 -26.50 -7.77
CA ASN B 142 -5.32 -25.30 -7.38
C ASN B 142 -4.45 -24.06 -7.34
N LEU B 143 -3.24 -24.19 -6.82
CA LEU B 143 -2.33 -23.06 -6.74
C LEU B 143 -1.95 -22.56 -8.13
N LYS B 144 -1.65 -23.48 -9.05
CA LYS B 144 -1.35 -23.09 -10.43
C LYS B 144 -2.55 -22.46 -11.13
N ALA B 145 -3.74 -23.02 -10.92
CA ALA B 145 -4.97 -22.49 -11.50
C ALA B 145 -5.21 -21.06 -11.02
N ALA B 146 -5.02 -20.83 -9.73
CA ALA B 146 -5.13 -19.49 -9.16
C ALA B 146 -4.13 -18.51 -9.76
N LEU B 147 -2.89 -18.98 -9.93
CA LEU B 147 -1.85 -18.14 -10.52
C LEU B 147 -2.21 -17.80 -11.96
N ARG B 148 -2.65 -18.80 -12.73
CA ARG B 148 -3.06 -18.59 -14.12
C ARG B 148 -4.16 -17.53 -14.24
N GLN B 149 -5.08 -17.50 -13.28
CA GLN B 149 -6.15 -16.50 -13.29
C GLN B 149 -5.59 -15.09 -13.03
N GLU B 150 -4.65 -14.96 -12.09
CA GLU B 150 -4.05 -13.65 -11.83
C GLU B 150 -3.27 -13.18 -13.05
N PHE B 151 -2.59 -14.11 -13.73
CA PHE B 151 -1.87 -13.77 -14.95
C PHE B 151 -2.82 -13.40 -16.09
N SER B 152 -3.98 -14.05 -16.17
CA SER B 152 -4.99 -13.66 -17.17
C SER B 152 -5.46 -12.20 -16.95
N ASN B 153 -5.55 -11.77 -15.69
CA ASN B 153 -5.91 -10.38 -15.39
C ASN B 153 -4.88 -9.41 -15.95
N LEU B 154 -3.60 -9.77 -15.82
CA LEU B 154 -2.52 -8.95 -16.34
C LEU B 154 -2.47 -8.99 -17.86
N GLU B 155 -2.69 -10.16 -18.44
CA GLU B 155 -2.75 -10.35 -19.88
C GLU B 155 -3.81 -9.45 -20.50
N GLU B 156 -4.98 -9.38 -19.87
CA GLU B 156 -6.07 -8.52 -20.36
C GLU B 156 -5.65 -7.04 -20.44
N ILE B 157 -4.87 -6.58 -19.45
CA ILE B 157 -4.37 -5.19 -19.44
C ILE B 157 -3.48 -4.95 -20.66
N LEU B 158 -2.48 -5.79 -20.87
CA LEU B 158 -1.57 -5.63 -22.01
C LEU B 158 -2.28 -5.71 -23.36
N GLU B 159 -3.21 -6.66 -23.50
CA GLU B 159 -3.97 -6.81 -24.74
C GLU B 159 -4.86 -5.59 -25.04
N TYR B 160 -5.50 -5.07 -23.99
CA TYR B 160 -6.37 -3.90 -24.11
C TYR B 160 -5.61 -2.64 -24.50
N GLN B 161 -4.48 -2.43 -23.83
CA GLN B 161 -3.62 -1.27 -24.09
C GLN B 161 -2.90 -1.36 -25.41
N ASN B 162 -2.62 -2.59 -25.85
CA ASN B 162 -1.80 -2.84 -27.03
C ASN B 162 -0.43 -2.17 -26.93
N THR B 163 0.22 -2.34 -25.77
CA THR B 163 1.58 -1.89 -25.55
C THR B 163 2.39 -3.06 -24.98
N THR B 164 3.69 -3.05 -25.23
CA THR B 164 4.57 -4.14 -24.80
C THR B 164 4.72 -4.18 -23.27
N PHE B 165 4.85 -3.00 -22.67
CA PHE B 165 5.00 -2.87 -21.21
C PHE B 165 3.69 -2.37 -20.58
N PHE B 166 3.60 -2.45 -19.26
CA PHE B 166 2.36 -2.11 -18.56
C PHE B 166 2.06 -0.62 -18.55
N GLY B 167 3.08 0.21 -18.71
CA GLY B 167 2.91 1.66 -18.80
C GLY B 167 3.05 2.24 -20.20
N GLY B 168 3.28 1.40 -21.21
CA GLY B 168 3.47 1.86 -22.58
C GLY B 168 4.55 1.13 -23.36
N THR B 169 5.15 1.82 -24.33
CA THR B 169 6.17 1.25 -25.19
C THR B 169 7.55 1.19 -24.55
N SER B 170 7.76 2.03 -23.53
CA SER B 170 9.00 2.02 -22.78
C SER B 170 8.74 1.49 -21.38
N ILE B 171 9.75 0.81 -20.84
CA ILE B 171 9.70 0.28 -19.49
C ILE B 171 9.52 1.44 -18.49
N SER B 172 8.78 1.18 -17.41
CA SER B 172 8.55 2.18 -16.37
C SER B 172 8.49 1.51 -15.00
N MET B 173 8.23 2.30 -13.96
CA MET B 173 8.26 1.78 -12.59
C MET B 173 7.45 0.51 -12.41
N ILE B 174 6.22 0.47 -12.91
CA ILE B 174 5.34 -0.69 -12.69
C ILE B 174 5.99 -1.99 -13.18
N ASP B 175 6.70 -1.94 -14.31
CA ASP B 175 7.32 -3.15 -14.84
C ASP B 175 8.38 -3.70 -13.88
N TYR B 176 9.24 -2.81 -13.38
CA TYR B 176 10.25 -3.22 -12.40
C TYR B 176 9.63 -3.74 -11.10
N LEU B 177 8.49 -3.19 -10.70
CA LEU B 177 7.81 -3.65 -9.47
C LEU B 177 7.28 -5.07 -9.61
N LEU B 178 6.91 -5.47 -10.84
CA LEU B 178 6.38 -6.81 -11.08
C LEU B 178 7.46 -7.85 -11.39
N TRP B 179 8.58 -7.40 -11.96
CA TRP B 179 9.55 -8.31 -12.58
C TRP B 179 10.06 -9.48 -11.72
N PRO B 180 10.48 -9.22 -10.47
CA PRO B 180 11.19 -10.29 -9.75
C PRO B 180 10.47 -11.66 -9.75
N TRP B 181 9.16 -11.64 -9.64
CA TRP B 181 8.38 -12.88 -9.59
C TRP B 181 8.29 -13.56 -10.94
N PHE B 182 8.27 -12.77 -12.01
CA PHE B 182 8.32 -13.33 -13.36
C PHE B 182 9.69 -13.93 -13.70
N GLU B 183 10.77 -13.29 -13.25
CA GLU B 183 12.08 -13.89 -13.44
C GLU B 183 12.16 -15.28 -12.82
N ARG B 184 11.44 -15.46 -11.71
CA ARG B 184 11.49 -16.68 -10.92
C ARG B 184 10.64 -17.85 -11.42
N LEU B 185 9.76 -17.63 -12.39
CA LEU B 185 8.83 -18.70 -12.81
C LEU B 185 9.58 -19.94 -13.24
N ASP B 186 10.65 -19.76 -14.00
CA ASP B 186 11.44 -20.88 -14.51
C ASP B 186 11.94 -21.79 -13.37
N VAL B 187 12.77 -21.24 -12.49
CA VAL B 187 13.36 -22.03 -11.40
CA VAL B 187 13.36 -22.03 -11.40
C VAL B 187 12.31 -22.52 -10.41
N TYR B 188 11.21 -21.79 -10.28
CA TYR B 188 10.11 -22.24 -9.39
C TYR B 188 9.34 -23.43 -9.98
N GLY B 189 9.54 -23.70 -11.28
CA GLY B 189 8.87 -24.81 -11.96
C GLY B 189 7.49 -24.47 -12.45
N ILE B 190 7.21 -23.18 -12.64
CA ILE B 190 5.85 -22.72 -12.99
C ILE B 190 5.83 -21.81 -14.22
N LEU B 191 6.82 -21.94 -15.10
CA LEU B 191 6.81 -21.23 -16.37
C LEU B 191 5.57 -21.59 -17.21
N ASP B 192 5.01 -22.79 -16.98
CA ASP B 192 3.81 -23.22 -17.69
C ASP B 192 2.57 -22.39 -17.36
N CYS B 193 2.61 -21.65 -16.26
CA CYS B 193 1.49 -20.77 -15.88
C CYS B 193 1.32 -19.52 -16.75
N VAL B 194 2.25 -19.26 -17.69
CA VAL B 194 2.04 -18.21 -18.70
C VAL B 194 1.82 -18.78 -20.11
N SER B 195 1.51 -20.07 -20.20
CA SER B 195 1.32 -20.72 -21.51
C SER B 195 0.03 -20.30 -22.22
N HIS B 196 -0.86 -19.62 -21.49
CA HIS B 196 -2.14 -19.15 -22.03
C HIS B 196 -2.15 -17.63 -22.26
N THR B 197 -1.03 -16.96 -21.98
CA THR B 197 -0.96 -15.50 -21.98
C THR B 197 0.16 -14.98 -22.89
N PRO B 198 -0.12 -14.83 -24.20
CA PRO B 198 0.96 -14.48 -25.14
C PRO B 198 1.56 -13.08 -24.96
N ALA B 199 0.74 -12.08 -24.62
CA ALA B 199 1.29 -10.74 -24.40
C ALA B 199 2.24 -10.73 -23.21
N LEU B 200 1.90 -11.48 -22.16
CA LEU B 200 2.76 -11.59 -20.98
CA LEU B 200 2.74 -11.59 -20.99
C LEU B 200 4.07 -12.27 -21.35
N ARG B 201 4.02 -13.26 -22.23
CA ARG B 201 5.26 -13.90 -22.67
C ARG B 201 6.14 -12.92 -23.47
N LEU B 202 5.53 -12.08 -24.29
CA LEU B 202 6.28 -11.02 -24.99
C LEU B 202 6.89 -10.04 -24.00
N TRP B 203 6.13 -9.71 -22.95
CA TRP B 203 6.60 -8.80 -21.91
C TRP B 203 7.81 -9.38 -21.19
N ILE B 204 7.76 -10.66 -20.86
CA ILE B 204 8.91 -11.31 -20.21
C ILE B 204 10.18 -11.13 -21.04
N SER B 205 10.10 -11.37 -22.34
CA SER B 205 11.25 -11.17 -23.24
C SER B 205 11.68 -9.72 -23.29
N ALA B 206 10.72 -8.81 -23.39
CA ALA B 206 11.04 -7.38 -23.42
C ALA B 206 11.80 -6.99 -22.16
N MET B 207 11.37 -7.54 -21.02
CA MET B 207 12.04 -7.27 -19.75
C MET B 207 13.47 -7.81 -19.72
N LYS B 208 13.66 -9.04 -20.18
CA LYS B 208 15.02 -9.61 -20.22
C LYS B 208 15.98 -8.78 -21.08
N TRP B 209 15.45 -8.13 -22.11
CA TRP B 209 16.28 -7.29 -22.96
CA TRP B 209 16.20 -7.23 -23.00
C TRP B 209 16.59 -5.91 -22.33
N ASP B 210 15.90 -5.55 -21.25
CA ASP B 210 16.16 -4.29 -20.58
C ASP B 210 17.55 -4.33 -19.94
N PRO B 211 18.38 -3.30 -20.17
CA PRO B 211 19.73 -3.32 -19.59
C PRO B 211 19.75 -3.52 -18.07
N THR B 212 18.82 -2.91 -17.34
CA THR B 212 18.82 -3.02 -15.89
C THR B 212 18.40 -4.41 -15.45
N VAL B 213 17.31 -4.94 -16.01
CA VAL B 213 16.90 -6.31 -15.72
C VAL B 213 18.03 -7.29 -16.05
N SER B 214 18.61 -7.18 -17.24
CA SER B 214 19.68 -8.07 -17.67
CA SER B 214 19.69 -8.08 -17.67
C SER B 214 20.86 -8.04 -16.69
N ALA B 215 21.24 -6.84 -16.24
CA ALA B 215 22.36 -6.66 -15.31
C ALA B 215 22.14 -7.37 -13.98
N LEU B 216 20.89 -7.48 -13.55
CA LEU B 216 20.56 -8.07 -12.25
C LEU B 216 20.02 -9.50 -12.33
N LEU B 217 19.96 -10.07 -13.53
CA LEU B 217 19.50 -11.47 -13.70
C LEU B 217 20.27 -12.41 -12.79
N MET B 218 19.55 -13.24 -12.04
CA MET B 218 20.16 -14.18 -11.10
CA MET B 218 20.20 -14.15 -11.10
C MET B 218 20.84 -15.34 -11.83
N ASP B 219 21.87 -15.88 -11.23
CA ASP B 219 22.52 -17.07 -11.73
C ASP B 219 21.58 -18.24 -11.39
N LYS B 220 21.02 -18.85 -12.43
CA LYS B 220 20.02 -19.91 -12.27
C LYS B 220 20.56 -21.09 -11.47
N SER B 221 21.78 -21.54 -11.78
CA SER B 221 22.35 -22.69 -11.11
C SER B 221 22.60 -22.42 -9.63
N ILE B 222 23.06 -21.22 -9.30
CA ILE B 222 23.30 -20.84 -7.90
C ILE B 222 21.98 -20.75 -7.15
N PHE B 223 20.98 -20.19 -7.81
CA PHE B 223 19.65 -20.05 -7.20
C PHE B 223 19.07 -21.42 -6.90
N GLN B 224 19.25 -22.37 -7.82
CA GLN B 224 18.79 -23.74 -7.59
C GLN B 224 19.52 -24.36 -6.41
N GLY B 225 20.83 -24.12 -6.31
CA GLY B 225 21.63 -24.58 -5.18
C GLY B 225 21.10 -24.05 -3.85
N PHE B 226 20.74 -22.77 -3.84
CA PHE B 226 20.17 -22.15 -2.65
C PHE B 226 18.85 -22.81 -2.24
N LEU B 227 17.94 -22.97 -3.21
CA LEU B 227 16.65 -23.60 -2.95
C LEU B 227 16.79 -25.03 -2.44
N ASN B 228 17.75 -25.78 -2.99
CA ASN B 228 18.00 -27.15 -2.55
C ASN B 228 18.39 -27.22 -1.07
N LEU B 229 19.29 -26.35 -0.63
CA LEU B 229 19.67 -26.31 0.79
C LEU B 229 18.58 -25.71 1.67
N TYR B 230 17.84 -24.73 1.13
CA TYR B 230 16.71 -24.12 1.85
C TYR B 230 15.69 -25.18 2.24
N PHE B 231 15.25 -25.98 1.27
CA PHE B 231 14.27 -27.04 1.51
C PHE B 231 14.84 -28.27 2.23
N GLN B 232 16.17 -28.31 2.41
CA GLN B 232 16.81 -29.31 3.28
C GLN B 232 16.91 -28.81 4.74
N ASN B 233 16.42 -27.60 5.00
CA ASN B 233 16.50 -26.98 6.32
C ASN B 233 17.96 -26.82 6.80
N ASN B 234 18.85 -26.58 5.85
CA ASN B 234 20.27 -26.40 6.15
C ASN B 234 20.52 -24.91 6.37
N PRO B 235 20.95 -24.53 7.59
CA PRO B 235 21.12 -23.10 7.87
C PRO B 235 22.15 -22.41 6.97
N ASN B 236 23.10 -23.18 6.44
CA ASN B 236 24.11 -22.63 5.55
C ASN B 236 23.54 -22.04 4.24
N ALA B 237 22.27 -22.31 3.95
CA ALA B 237 21.59 -21.75 2.78
C ALA B 237 21.59 -20.22 2.77
N PHE B 238 21.62 -19.61 3.96
CA PHE B 238 21.51 -18.15 4.08
C PHE B 238 22.86 -17.43 4.27
N ASP B 239 23.97 -18.17 4.23
CA ASP B 239 25.30 -17.58 4.41
C ASP B 239 25.92 -17.15 3.09
C1 PEG C . -12.00 6.27 28.67
O1 PEG C . -11.60 5.19 29.52
C2 PEG C . -13.35 6.01 28.01
O2 PEG C . -13.84 4.71 28.33
C3 PEG C . -15.24 4.47 28.12
C4 PEG C . -15.61 4.33 26.64
O4 PEG C . -15.17 3.10 26.07
C1 GOL D . -12.40 25.08 13.38
O1 GOL D . -13.27 25.56 12.36
C2 GOL D . -12.90 25.47 14.76
O2 GOL D . -12.28 24.63 15.73
C3 GOL D . -12.63 26.95 15.06
O3 GOL D . -11.25 27.29 15.15
CL CL E . -11.21 15.23 22.07
CL CL F . 11.71 -14.84 -22.65
#